data_2Z15
#
_entry.id   2Z15
#
_cell.length_a   36.064
_cell.length_b   121.162
_cell.length_c   152.553
_cell.angle_alpha   90.00
_cell.angle_beta   90.00
_cell.angle_gamma   90.00
#
_symmetry.space_group_name_H-M   'P 21 21 21'
#
loop_
_entity.id
_entity.type
_entity.pdbx_description
1 polymer 'Protein Tob1'
2 water water
#
_entity_poly.entity_id   1
_entity_poly.type   'polypeptide(L)'
_entity_poly.pdbx_seq_one_letter_code
;GSSGSSGMQLEIQVALNFIISYLYNKLPRRRVNIFGEELERLLKKKYEGHWYPEKPYKGSGFRCIHIGEKVDPVIEQASK
ESGLDIDDVRGNLPQDLSVWIDPFEVSYQIGEKGPVKVLYVDDNSGPSSG
;
_entity_poly.pdbx_strand_id   A,B,C,D
#
# COMPACT_ATOMS: atom_id res chain seq x y z
N SER A 6 -20.49 7.09 -3.38
CA SER A 6 -19.93 8.00 -2.34
C SER A 6 -18.76 7.32 -1.65
N GLY A 7 -18.74 7.37 -0.32
CA GLY A 7 -17.67 6.73 0.42
C GLY A 7 -17.61 5.24 0.14
N MET A 8 -18.73 4.67 -0.29
CA MET A 8 -18.82 3.24 -0.58
C MET A 8 -19.73 3.01 -1.81
N GLN A 9 -20.74 3.85 -1.94
CA GLN A 9 -21.70 3.79 -3.03
C GLN A 9 -21.05 3.71 -4.42
N LEU A 10 -20.17 4.66 -4.71
CA LEU A 10 -19.50 4.72 -6.01
C LEU A 10 -18.74 3.45 -6.37
N GLU A 11 -17.91 2.99 -5.44
CA GLU A 11 -17.11 1.81 -5.68
C GLU A 11 -17.97 0.59 -5.99
N ILE A 12 -19.01 0.38 -5.19
CA ILE A 12 -19.92 -0.74 -5.40
C ILE A 12 -20.56 -0.59 -6.78
N GLN A 13 -20.91 0.64 -7.15
CA GLN A 13 -21.50 0.90 -8.45
C GLN A 13 -20.56 0.49 -9.58
N VAL A 14 -19.29 0.85 -9.44
CA VAL A 14 -18.29 0.50 -10.45
C VAL A 14 -18.22 -1.03 -10.61
N ALA A 15 -18.10 -1.74 -9.49
CA ALA A 15 -18.01 -3.20 -9.52
C ALA A 15 -19.27 -3.83 -10.09
N LEU A 16 -20.43 -3.31 -9.72
CA LEU A 16 -21.70 -3.85 -10.21
C LEU A 16 -21.81 -3.70 -11.72
N ASN A 17 -21.44 -2.53 -12.21
CA ASN A 17 -21.48 -2.23 -13.64
C ASN A 17 -20.65 -3.27 -14.40
N PHE A 18 -19.45 -3.51 -13.90
CA PHE A 18 -18.53 -4.47 -14.51
C PHE A 18 -19.12 -5.89 -14.52
N ILE A 19 -19.70 -6.29 -13.38
CA ILE A 19 -20.29 -7.62 -13.26
C ILE A 19 -21.50 -7.87 -14.16
N ILE A 20 -22.48 -6.99 -14.12
CA ILE A 20 -23.68 -7.20 -14.92
C ILE A 20 -23.49 -6.95 -16.41
N SER A 21 -22.35 -6.40 -16.80
CA SER A 21 -22.10 -6.17 -18.21
C SER A 21 -22.00 -7.54 -18.90
N TYR A 22 -21.66 -8.58 -18.13
CA TYR A 22 -21.55 -9.92 -18.71
C TYR A 22 -22.91 -10.62 -18.76
N LEU A 23 -23.89 -10.07 -18.05
CA LEU A 23 -25.22 -10.66 -17.98
C LEU A 23 -26.24 -10.11 -18.99
N TYR A 24 -26.10 -8.84 -19.33
CA TYR A 24 -26.99 -8.20 -20.30
C TYR A 24 -26.82 -8.85 -21.66
N ASN A 25 -27.88 -8.86 -22.47
CA ASN A 25 -27.80 -9.44 -23.79
C ASN A 25 -27.69 -10.96 -23.69
N LYS A 26 -27.61 -11.47 -22.48
CA LYS A 26 -27.52 -12.91 -22.27
C LYS A 26 -28.73 -13.37 -21.47
N LEU A 27 -29.11 -12.57 -20.48
CA LEU A 27 -30.24 -12.90 -19.63
C LEU A 27 -31.29 -11.80 -19.69
N PRO A 28 -32.53 -12.11 -19.25
CA PRO A 28 -33.63 -11.12 -19.27
C PRO A 28 -33.22 -9.79 -18.65
N ARG A 29 -33.34 -8.73 -19.45
CA ARG A 29 -32.99 -7.37 -19.05
C ARG A 29 -33.53 -6.98 -17.68
N ARG A 30 -34.83 -7.16 -17.48
CA ARG A 30 -35.48 -6.80 -16.24
C ARG A 30 -34.91 -7.55 -15.04
N ARG A 31 -34.65 -8.84 -15.22
CA ARG A 31 -34.09 -9.63 -14.12
C ARG A 31 -32.67 -9.22 -13.79
N VAL A 32 -31.89 -8.82 -14.79
CA VAL A 32 -30.51 -8.40 -14.55
C VAL A 32 -30.48 -7.13 -13.72
N ASN A 33 -31.42 -6.21 -13.98
CA ASN A 33 -31.51 -4.96 -13.23
C ASN A 33 -31.80 -5.24 -11.76
N ILE A 34 -32.78 -6.11 -11.49
CA ILE A 34 -33.13 -6.45 -10.13
C ILE A 34 -31.95 -7.12 -9.45
N PHE A 35 -31.28 -8.00 -10.19
CA PHE A 35 -30.10 -8.70 -9.68
C PHE A 35 -29.09 -7.65 -9.21
N GLY A 36 -28.85 -6.65 -10.05
CA GLY A 36 -27.90 -5.60 -9.72
C GLY A 36 -28.32 -4.79 -8.50
N GLU A 37 -29.62 -4.51 -8.41
CA GLU A 37 -30.16 -3.74 -7.28
C GLU A 37 -30.04 -4.52 -5.99
N GLU A 38 -30.31 -5.81 -6.03
CA GLU A 38 -30.20 -6.64 -4.83
C GLU A 38 -28.75 -6.82 -4.42
N LEU A 39 -27.87 -7.02 -5.40
CA LEU A 39 -26.45 -7.20 -5.10
C LEU A 39 -25.93 -5.94 -4.43
N GLU A 40 -26.34 -4.78 -4.94
CA GLU A 40 -25.93 -3.52 -4.36
C GLU A 40 -26.32 -3.42 -2.89
N ARG A 41 -27.59 -3.69 -2.59
CA ARG A 41 -28.07 -3.64 -1.21
C ARG A 41 -27.28 -4.67 -0.38
N LEU A 42 -27.03 -5.85 -0.96
CA LEU A 42 -26.31 -6.90 -0.25
C LEU A 42 -24.87 -6.52 0.10
N LEU A 43 -24.18 -5.89 -0.84
CA LEU A 43 -22.80 -5.48 -0.60
C LEU A 43 -22.71 -4.39 0.47
N LYS A 44 -23.58 -3.39 0.39
CA LYS A 44 -23.60 -2.30 1.38
C LYS A 44 -23.77 -2.84 2.80
N LYS A 45 -24.70 -3.78 2.96
CA LYS A 45 -24.95 -4.36 4.26
C LYS A 45 -23.75 -5.15 4.76
N LYS A 46 -23.15 -5.94 3.89
CA LYS A 46 -21.99 -6.74 4.29
C LYS A 46 -20.76 -5.88 4.57
N TYR A 47 -20.55 -4.86 3.77
CA TYR A 47 -19.38 -4.02 3.94
C TYR A 47 -19.43 -3.09 5.14
N GLU A 48 -20.63 -2.77 5.59
CA GLU A 48 -20.78 -1.86 6.73
C GLU A 48 -19.95 -2.36 7.91
N GLY A 49 -19.15 -1.47 8.48
CA GLY A 49 -18.30 -1.86 9.58
C GLY A 49 -16.99 -2.49 9.13
N HIS A 50 -16.83 -2.70 7.81
CA HIS A 50 -15.61 -3.28 7.25
C HIS A 50 -15.10 -2.42 6.09
N TRP A 51 -15.13 -1.11 6.29
CA TRP A 51 -14.71 -0.16 5.28
C TRP A 51 -13.85 0.89 5.98
N TYR A 52 -12.53 0.80 5.83
CA TYR A 52 -11.61 1.71 6.48
C TYR A 52 -10.84 2.56 5.48
N PRO A 53 -11.34 3.76 5.20
CA PRO A 53 -10.73 4.72 4.27
C PRO A 53 -9.24 4.96 4.47
N GLU A 54 -8.78 5.04 5.71
CA GLU A 54 -7.37 5.27 5.98
C GLU A 54 -6.49 4.08 5.64
N LYS A 55 -7.10 2.91 5.49
CA LYS A 55 -6.35 1.69 5.15
C LYS A 55 -7.23 0.76 4.32
N PRO A 56 -7.40 1.07 3.03
CA PRO A 56 -8.21 0.27 2.11
C PRO A 56 -7.87 -1.21 2.02
N TYR A 57 -6.62 -1.56 2.24
CA TYR A 57 -6.19 -2.97 2.18
C TYR A 57 -6.78 -3.81 3.31
N LYS A 58 -7.13 -3.16 4.41
CA LYS A 58 -7.70 -3.88 5.55
C LYS A 58 -9.13 -4.32 5.24
N GLY A 59 -9.36 -5.63 5.29
CA GLY A 59 -10.69 -6.15 5.00
C GLY A 59 -10.91 -6.39 3.51
N SER A 60 -9.85 -6.24 2.72
CA SER A 60 -9.96 -6.43 1.28
C SER A 60 -10.32 -7.87 0.91
N GLY A 61 -9.73 -8.85 1.60
CA GLY A 61 -10.03 -10.24 1.32
C GLY A 61 -11.46 -10.56 1.68
N PHE A 62 -11.89 -10.05 2.83
CA PHE A 62 -13.26 -10.24 3.31
C PHE A 62 -14.26 -9.64 2.35
N ARG A 63 -13.94 -8.47 1.78
CA ARG A 63 -14.84 -7.81 0.84
C ARG A 63 -14.82 -8.39 -0.57
N CYS A 64 -13.69 -8.98 -0.96
CA CYS A 64 -13.54 -9.54 -2.30
C CYS A 64 -14.66 -10.50 -2.74
N ILE A 65 -15.23 -10.24 -3.91
CA ILE A 65 -16.27 -11.11 -4.42
C ILE A 65 -15.60 -12.15 -5.30
N HIS A 66 -15.69 -13.42 -4.91
CA HIS A 66 -15.09 -14.48 -5.70
C HIS A 66 -16.15 -15.23 -6.48
N ILE A 67 -15.87 -15.47 -7.76
CA ILE A 67 -16.80 -16.22 -8.60
C ILE A 67 -16.02 -17.17 -9.50
N GLY A 68 -15.71 -18.33 -8.93
CA GLY A 68 -14.97 -19.36 -9.64
C GLY A 68 -15.50 -20.74 -9.23
N GLU A 69 -14.62 -21.66 -8.86
CA GLU A 69 -15.08 -22.99 -8.45
C GLU A 69 -16.01 -22.80 -7.25
N LYS A 70 -15.73 -21.76 -6.47
CA LYS A 70 -16.55 -21.39 -5.33
C LYS A 70 -17.14 -20.04 -5.67
N VAL A 71 -18.34 -19.76 -5.14
CA VAL A 71 -18.99 -18.49 -5.41
C VAL A 71 -19.46 -17.78 -4.13
N ASP A 72 -19.31 -16.46 -4.11
CA ASP A 72 -19.71 -15.66 -2.95
C ASP A 72 -21.20 -15.78 -2.72
N PRO A 73 -21.61 -15.95 -1.46
CA PRO A 73 -23.01 -16.07 -1.09
C PRO A 73 -23.88 -14.93 -1.65
N VAL A 74 -23.32 -13.72 -1.72
CA VAL A 74 -24.09 -12.59 -2.23
C VAL A 74 -24.56 -12.82 -3.67
N ILE A 75 -23.76 -13.51 -4.48
CA ILE A 75 -24.14 -13.77 -5.87
C ILE A 75 -25.30 -14.77 -5.88
N GLU A 76 -25.22 -15.78 -5.03
CA GLU A 76 -26.27 -16.78 -4.89
C GLU A 76 -27.55 -16.12 -4.41
N GLN A 77 -27.42 -15.20 -3.46
CA GLN A 77 -28.60 -14.51 -2.94
C GLN A 77 -29.25 -13.59 -3.97
N ALA A 78 -28.43 -12.80 -4.67
CA ALA A 78 -28.95 -11.88 -5.68
C ALA A 78 -29.69 -12.65 -6.78
N SER A 79 -29.18 -13.82 -7.14
CA SER A 79 -29.80 -14.65 -8.16
C SER A 79 -31.19 -15.06 -7.69
N LYS A 80 -31.25 -15.66 -6.51
CA LYS A 80 -32.49 -16.14 -5.92
C LYS A 80 -33.53 -15.06 -5.64
N GLU A 81 -33.09 -13.80 -5.61
CA GLU A 81 -33.98 -12.69 -5.34
C GLU A 81 -34.32 -11.91 -6.62
N SER A 82 -33.85 -12.41 -7.76
CA SER A 82 -34.11 -11.72 -9.02
C SER A 82 -34.63 -12.65 -10.11
N GLY A 83 -34.80 -13.92 -9.79
CA GLY A 83 -35.32 -14.86 -10.77
C GLY A 83 -34.27 -15.37 -11.75
N LEU A 84 -33.00 -15.19 -11.44
CA LEU A 84 -31.94 -15.69 -12.32
C LEU A 84 -31.38 -16.99 -11.76
N ASP A 85 -31.04 -17.91 -12.66
CA ASP A 85 -30.48 -19.19 -12.24
C ASP A 85 -28.98 -18.96 -11.98
N ILE A 86 -28.52 -19.37 -10.81
CA ILE A 86 -27.12 -19.18 -10.43
C ILE A 86 -26.14 -19.74 -11.49
N ASP A 87 -26.48 -20.87 -12.10
CA ASP A 87 -25.58 -21.44 -13.10
C ASP A 87 -25.48 -20.62 -14.39
N ASP A 88 -26.55 -19.89 -14.72
CA ASP A 88 -26.51 -19.03 -15.90
C ASP A 88 -25.59 -17.85 -15.60
N VAL A 89 -25.64 -17.38 -14.36
CA VAL A 89 -24.79 -16.27 -13.95
C VAL A 89 -23.33 -16.73 -13.97
N ARG A 90 -23.03 -17.82 -13.28
CA ARG A 90 -21.65 -18.31 -13.27
C ARG A 90 -21.15 -18.63 -14.68
N GLY A 91 -22.03 -19.12 -15.55
CA GLY A 91 -21.65 -19.45 -16.90
C GLY A 91 -21.32 -18.25 -17.77
N ASN A 92 -21.92 -17.11 -17.47
CA ASN A 92 -21.70 -15.92 -18.27
C ASN A 92 -20.56 -15.03 -17.78
N LEU A 93 -20.13 -15.23 -16.55
CA LEU A 93 -19.03 -14.44 -16.00
C LEU A 93 -17.69 -15.11 -16.31
N PRO A 94 -16.60 -14.30 -16.34
CA PRO A 94 -15.25 -14.79 -16.62
C PRO A 94 -14.82 -15.82 -15.58
N GLN A 95 -14.20 -16.89 -16.05
CA GLN A 95 -13.76 -17.97 -15.17
C GLN A 95 -12.82 -17.52 -14.06
N ASP A 96 -13.05 -18.06 -12.87
CA ASP A 96 -12.24 -17.76 -11.70
C ASP A 96 -12.06 -16.26 -11.51
N LEU A 97 -13.19 -15.54 -11.42
CA LEU A 97 -13.18 -14.10 -11.25
C LEU A 97 -13.07 -13.66 -9.80
N SER A 98 -12.24 -12.65 -9.55
CA SER A 98 -12.07 -12.05 -8.22
C SER A 98 -12.32 -10.54 -8.45
N VAL A 99 -13.22 -9.97 -7.66
CA VAL A 99 -13.53 -8.54 -7.77
C VAL A 99 -13.30 -7.91 -6.40
N TRP A 100 -12.34 -6.99 -6.34
CA TRP A 100 -12.01 -6.31 -5.11
C TRP A 100 -12.66 -4.93 -5.06
N ILE A 101 -13.38 -4.67 -3.98
CA ILE A 101 -14.02 -3.38 -3.79
C ILE A 101 -13.44 -2.83 -2.49
N ASP A 102 -12.59 -1.81 -2.62
CA ASP A 102 -11.95 -1.20 -1.48
C ASP A 102 -12.10 0.31 -1.56
N PRO A 103 -11.84 1.00 -0.45
CA PRO A 103 -11.94 2.45 -0.46
C PRO A 103 -10.96 3.00 -1.50
N PHE A 104 -11.44 3.91 -2.35
CA PHE A 104 -10.60 4.52 -3.38
C PHE A 104 -10.12 3.60 -4.50
N GLU A 105 -10.62 2.37 -4.56
CA GLU A 105 -10.18 1.47 -5.63
C GLU A 105 -11.03 0.24 -5.90
N VAL A 106 -11.27 0.00 -7.17
CA VAL A 106 -12.03 -1.16 -7.60
C VAL A 106 -11.18 -1.87 -8.65
N SER A 107 -11.03 -3.18 -8.48
CA SER A 107 -10.23 -3.97 -9.41
C SER A 107 -10.73 -5.40 -9.51
N TYR A 108 -10.20 -6.13 -10.48
CA TYR A 108 -10.57 -7.51 -10.68
C TYR A 108 -9.44 -8.31 -11.30
N GLN A 109 -9.63 -9.62 -11.34
CA GLN A 109 -8.65 -10.54 -11.90
C GLN A 109 -9.37 -11.76 -12.43
N ILE A 110 -9.06 -12.12 -13.67
CA ILE A 110 -9.65 -13.28 -14.33
C ILE A 110 -8.59 -14.38 -14.33
N GLY A 111 -8.72 -15.33 -13.40
CA GLY A 111 -7.76 -16.41 -13.31
C GLY A 111 -6.81 -16.23 -12.14
N GLU A 112 -6.60 -17.30 -11.38
CA GLU A 112 -5.72 -17.30 -10.21
C GLU A 112 -4.40 -16.61 -10.53
N LYS A 113 -3.89 -16.84 -11.72
CA LYS A 113 -2.63 -16.26 -12.14
C LYS A 113 -2.80 -15.12 -13.15
N GLY A 114 -4.02 -14.61 -13.29
CA GLY A 114 -4.25 -13.52 -14.23
C GLY A 114 -3.82 -12.18 -13.65
N PRO A 115 -3.69 -11.15 -14.50
CA PRO A 115 -3.28 -9.81 -14.07
C PRO A 115 -4.39 -9.07 -13.33
N VAL A 116 -4.01 -8.22 -12.38
CA VAL A 116 -5.00 -7.45 -11.64
C VAL A 116 -5.31 -6.20 -12.45
N LYS A 117 -6.56 -6.07 -12.88
CA LYS A 117 -6.98 -4.92 -13.67
C LYS A 117 -7.73 -3.91 -12.81
N VAL A 118 -7.39 -2.64 -12.96
CA VAL A 118 -8.02 -1.60 -12.20
C VAL A 118 -9.08 -0.82 -12.99
N LEU A 119 -10.32 -0.90 -12.51
CA LEU A 119 -11.43 -0.20 -13.15
C LEU A 119 -11.50 1.22 -12.63
N TYR A 120 -11.41 1.38 -11.31
CA TYR A 120 -11.49 2.68 -10.67
C TYR A 120 -10.41 2.88 -9.62
N VAL A 121 -9.81 4.07 -9.59
CA VAL A 121 -8.80 4.35 -8.59
C VAL A 121 -8.62 5.83 -8.32
N ASP A 122 -8.67 6.19 -7.04
CA ASP A 122 -8.51 7.57 -6.63
C ASP A 122 -7.35 7.65 -5.64
N ASP A 123 -6.12 7.75 -6.16
CA ASP A 123 -4.95 7.84 -5.29
C ASP A 123 -4.74 9.30 -4.86
N ASN A 124 -5.84 9.94 -4.48
CA ASN A 124 -5.84 11.32 -4.03
C ASN A 124 -5.37 12.30 -5.10
N GLY B 4 23.76 10.11 17.99
CA GLY B 4 23.66 9.90 19.46
C GLY B 4 22.78 8.72 19.81
N SER B 5 21.65 9.01 20.46
CA SER B 5 20.69 7.98 20.87
C SER B 5 20.25 7.18 19.65
N SER B 6 19.39 7.77 18.82
CA SER B 6 18.90 7.10 17.62
C SER B 6 20.07 6.80 16.68
N GLY B 7 21.15 7.56 16.82
CA GLY B 7 22.33 7.35 15.99
C GLY B 7 22.95 6.01 16.30
N MET B 8 23.22 5.74 17.57
CA MET B 8 23.80 4.48 18.01
C MET B 8 22.91 3.33 17.55
N GLN B 9 21.59 3.49 17.72
CA GLN B 9 20.65 2.45 17.33
C GLN B 9 20.71 2.14 15.85
N LEU B 10 20.82 3.17 15.02
CA LEU B 10 20.89 2.97 13.57
C LEU B 10 22.13 2.13 13.22
N GLU B 11 23.27 2.47 13.82
CA GLU B 11 24.49 1.72 13.53
C GLU B 11 24.37 0.27 14.00
N ILE B 12 23.72 0.06 15.14
CA ILE B 12 23.53 -1.28 15.66
C ILE B 12 22.67 -2.10 14.68
N GLN B 13 21.58 -1.49 14.22
CA GLN B 13 20.66 -2.14 13.27
C GLN B 13 21.40 -2.52 11.98
N VAL B 14 22.29 -1.66 11.52
CA VAL B 14 23.05 -1.93 10.32
C VAL B 14 24.00 -3.09 10.57
N ALA B 15 24.66 -3.10 11.73
CA ALA B 15 25.61 -4.16 12.06
C ALA B 15 24.87 -5.48 12.28
N LEU B 16 23.72 -5.42 12.96
CA LEU B 16 22.95 -6.63 13.20
C LEU B 16 22.49 -7.24 11.88
N ASN B 17 21.97 -6.39 10.99
CA ASN B 17 21.52 -6.87 9.68
C ASN B 17 22.62 -7.68 9.01
N PHE B 18 23.83 -7.14 9.03
CA PHE B 18 24.97 -7.82 8.43
C PHE B 18 25.26 -9.15 9.10
N ILE B 19 25.48 -9.12 10.41
CA ILE B 19 25.79 -10.32 11.16
C ILE B 19 24.72 -11.41 11.01
N ILE B 20 23.48 -11.03 11.28
CA ILE B 20 22.39 -11.99 11.23
C ILE B 20 21.99 -12.44 9.81
N SER B 21 22.49 -11.77 8.78
CA SER B 21 22.18 -12.17 7.41
C SER B 21 22.75 -13.55 7.10
N TYR B 22 23.78 -13.95 7.85
CA TYR B 22 24.39 -15.26 7.63
C TYR B 22 23.57 -16.37 8.30
N LEU B 23 22.62 -15.99 9.13
CA LEU B 23 21.81 -16.96 9.86
C LEU B 23 20.40 -17.17 9.33
N TYR B 24 19.74 -16.10 8.89
CA TYR B 24 18.39 -16.18 8.38
C TYR B 24 18.23 -17.20 7.26
N ASN B 25 17.17 -17.98 7.37
CA ASN B 25 16.83 -19.03 6.42
C ASN B 25 17.80 -20.20 6.46
N LYS B 26 18.62 -20.24 7.51
CA LYS B 26 19.55 -21.36 7.70
C LYS B 26 19.21 -21.97 9.04
N LEU B 27 18.68 -21.14 9.94
CA LEU B 27 18.29 -21.60 11.28
C LEU B 27 16.84 -21.20 11.51
N PRO B 28 16.16 -21.81 12.51
CA PRO B 28 14.75 -21.47 12.78
C PRO B 28 14.51 -19.97 12.88
N ARG B 29 13.60 -19.45 12.07
CA ARG B 29 13.29 -18.03 12.06
C ARG B 29 12.97 -17.43 13.42
N ARG B 30 12.05 -18.05 14.16
CA ARG B 30 11.71 -17.55 15.49
C ARG B 30 12.96 -17.41 16.35
N ARG B 31 13.83 -18.42 16.26
CA ARG B 31 15.09 -18.45 17.01
C ARG B 31 15.98 -17.28 16.62
N VAL B 32 16.11 -17.05 15.32
CA VAL B 32 16.94 -15.99 14.79
C VAL B 32 16.40 -14.61 15.16
N ASN B 33 15.07 -14.46 15.18
CA ASN B 33 14.47 -13.18 15.53
C ASN B 33 14.78 -12.88 17.01
N ILE B 34 14.70 -13.89 17.87
CA ILE B 34 14.99 -13.65 19.28
C ILE B 34 16.47 -13.31 19.44
N PHE B 35 17.32 -13.97 18.66
CA PHE B 35 18.76 -13.74 18.70
C PHE B 35 19.03 -12.26 18.38
N GLY B 36 18.41 -11.75 17.32
CA GLY B 36 18.61 -10.36 16.96
C GLY B 36 18.11 -9.42 18.05
N GLU B 37 16.96 -9.76 18.63
CA GLU B 37 16.38 -8.94 19.69
C GLU B 37 17.30 -8.83 20.88
N GLU B 38 17.79 -9.97 21.34
CA GLU B 38 18.69 -9.99 22.49
C GLU B 38 20.04 -9.33 22.19
N LEU B 39 20.60 -9.60 21.01
CA LEU B 39 21.88 -9.00 20.66
C LEU B 39 21.77 -7.48 20.60
N GLU B 40 20.65 -7.00 20.10
CA GLU B 40 20.39 -5.56 19.98
C GLU B 40 20.40 -4.94 21.38
N ARG B 41 19.62 -5.55 22.27
CA ARG B 41 19.52 -5.08 23.65
C ARG B 41 20.86 -5.15 24.39
N LEU B 42 21.60 -6.23 24.19
CA LEU B 42 22.90 -6.40 24.84
C LEU B 42 23.95 -5.38 24.35
N LEU B 43 23.92 -5.09 23.05
CA LEU B 43 24.87 -4.12 22.49
C LEU B 43 24.58 -2.71 23.00
N LYS B 44 23.30 -2.38 23.16
CA LYS B 44 22.94 -1.05 23.64
C LYS B 44 23.35 -0.88 25.10
N LYS B 45 23.20 -1.95 25.89
CA LYS B 45 23.55 -1.88 27.29
C LYS B 45 25.05 -1.76 27.45
N LYS B 46 25.80 -2.46 26.61
CA LYS B 46 27.26 -2.40 26.68
C LYS B 46 27.83 -1.08 26.18
N TYR B 47 27.22 -0.50 25.15
CA TYR B 47 27.72 0.76 24.59
C TYR B 47 27.39 2.00 25.42
N GLU B 48 26.43 1.88 26.33
CA GLU B 48 26.02 2.99 27.18
C GLU B 48 27.26 3.47 27.94
N GLY B 49 27.49 4.78 27.90
CA GLY B 49 28.65 5.33 28.59
C GLY B 49 29.94 5.12 27.81
N HIS B 50 29.85 4.48 26.64
CA HIS B 50 31.03 4.24 25.83
C HIS B 50 30.79 4.60 24.37
N TRP B 51 30.09 5.71 24.16
CA TRP B 51 29.75 6.19 22.83
C TRP B 51 30.00 7.69 22.75
N TYR B 52 31.14 8.05 22.15
CA TYR B 52 31.56 9.44 22.03
C TYR B 52 31.50 9.89 20.57
N PRO B 53 30.36 10.46 20.16
CA PRO B 53 30.17 10.92 18.78
C PRO B 53 31.18 11.98 18.30
N GLU B 54 31.79 12.72 19.21
CA GLU B 54 32.77 13.71 18.82
C GLU B 54 34.12 13.06 18.49
N LYS B 55 34.28 11.80 18.92
CA LYS B 55 35.50 11.04 18.67
C LYS B 55 35.10 9.60 18.38
N PRO B 56 34.56 9.35 17.17
CA PRO B 56 34.11 8.02 16.73
C PRO B 56 35.09 6.89 17.02
N TYR B 57 36.38 7.21 16.97
CA TYR B 57 37.46 6.27 17.19
C TYR B 57 37.66 5.91 18.66
N LYS B 58 37.18 6.77 19.54
CA LYS B 58 37.34 6.51 20.97
C LYS B 58 36.41 5.37 21.40
N GLY B 59 37.01 4.34 21.99
CA GLY B 59 36.25 3.18 22.44
C GLY B 59 35.93 2.20 21.32
N SER B 60 36.56 2.39 20.16
CA SER B 60 36.33 1.51 19.02
C SER B 60 36.70 0.06 19.35
N GLY B 61 37.90 -0.13 19.88
CA GLY B 61 38.33 -1.47 20.24
C GLY B 61 37.40 -2.10 21.25
N PHE B 62 36.96 -1.29 22.22
CA PHE B 62 36.06 -1.75 23.26
C PHE B 62 34.73 -2.23 22.69
N ARG B 63 34.20 -1.49 21.73
CA ARG B 63 32.94 -1.81 21.13
C ARG B 63 33.01 -2.94 20.10
N CYS B 64 34.18 -3.18 19.54
CA CYS B 64 34.33 -4.22 18.53
C CYS B 64 33.72 -5.56 18.92
N ILE B 65 33.05 -6.19 17.96
CA ILE B 65 32.45 -7.49 18.17
C ILE B 65 33.34 -8.48 17.42
N HIS B 66 34.03 -9.33 18.18
CA HIS B 66 34.92 -10.33 17.62
C HIS B 66 34.25 -11.70 17.63
N ILE B 67 34.31 -12.40 16.50
CA ILE B 67 33.73 -13.73 16.39
C ILE B 67 34.69 -14.63 15.61
N GLY B 68 35.54 -15.32 16.35
CA GLY B 68 36.51 -16.23 15.77
C GLY B 68 36.83 -17.26 16.82
N GLU B 69 38.11 -17.56 17.01
CA GLU B 69 38.52 -18.53 18.03
C GLU B 69 37.91 -18.03 19.33
N LYS B 70 38.02 -16.71 19.55
CA LYS B 70 37.44 -16.08 20.72
C LYS B 70 36.16 -15.38 20.26
N VAL B 71 35.11 -15.47 21.06
CA VAL B 71 33.84 -14.84 20.71
C VAL B 71 33.33 -13.87 21.79
N ASP B 72 32.88 -12.70 21.35
CA ASP B 72 32.35 -11.69 22.27
C ASP B 72 31.25 -12.31 23.11
N PRO B 73 31.28 -12.08 24.43
CA PRO B 73 30.24 -12.63 25.31
C PRO B 73 28.80 -12.26 24.92
N VAL B 74 28.61 -11.13 24.24
CA VAL B 74 27.26 -10.73 23.84
C VAL B 74 26.71 -11.71 22.81
N ILE B 75 27.58 -12.30 22.00
CA ILE B 75 27.14 -13.26 21.01
C ILE B 75 26.76 -14.56 21.74
N GLU B 76 27.60 -14.99 22.68
CA GLU B 76 27.34 -16.20 23.46
C GLU B 76 26.01 -16.09 24.22
N GLN B 77 25.80 -14.95 24.87
CA GLN B 77 24.58 -14.70 25.63
C GLN B 77 23.38 -14.68 24.67
N ALA B 78 23.50 -13.97 23.55
CA ALA B 78 22.40 -13.92 22.60
C ALA B 78 22.01 -15.33 22.14
N SER B 79 23.00 -16.19 21.92
CA SER B 79 22.74 -17.56 21.51
C SER B 79 21.97 -18.31 22.60
N LYS B 80 22.46 -18.20 23.83
CA LYS B 80 21.83 -18.89 24.96
C LYS B 80 20.44 -18.37 25.29
N GLU B 81 20.17 -17.11 24.99
CA GLU B 81 18.87 -16.54 25.29
C GLU B 81 17.87 -16.65 24.14
N SER B 82 18.32 -17.19 23.01
CA SER B 82 17.47 -17.33 21.83
C SER B 82 17.14 -18.75 21.41
N GLY B 83 17.93 -19.71 21.88
CA GLY B 83 17.70 -21.08 21.48
C GLY B 83 18.59 -21.44 20.30
N LEU B 84 19.44 -20.54 19.84
CA LEU B 84 20.32 -20.89 18.73
C LEU B 84 21.60 -21.51 19.29
N ASP B 85 21.90 -22.71 18.83
CA ASP B 85 23.10 -23.40 19.29
C ASP B 85 24.33 -22.59 18.87
N ILE B 86 25.15 -22.23 19.84
CA ILE B 86 26.36 -21.45 19.58
C ILE B 86 27.18 -22.02 18.42
N ASP B 87 27.32 -23.33 18.36
CA ASP B 87 28.08 -23.95 17.27
C ASP B 87 27.46 -23.66 15.91
N ASP B 88 26.14 -23.55 15.85
CA ASP B 88 25.45 -23.25 14.58
C ASP B 88 25.72 -21.80 14.18
N VAL B 89 25.73 -20.91 15.18
CA VAL B 89 25.98 -19.50 14.94
C VAL B 89 27.40 -19.32 14.43
N ARG B 90 28.36 -19.86 15.18
CA ARG B 90 29.77 -19.76 14.82
C ARG B 90 30.09 -20.42 13.48
N GLY B 91 29.42 -21.53 13.18
CA GLY B 91 29.68 -22.22 11.92
C GLY B 91 29.10 -21.55 10.69
N ASN B 92 28.03 -20.77 10.86
CA ASN B 92 27.42 -20.10 9.72
C ASN B 92 27.98 -18.71 9.44
N LEU B 93 28.76 -18.19 10.38
CA LEU B 93 29.35 -16.86 10.20
C LEU B 93 30.70 -16.99 9.52
N PRO B 94 31.17 -15.90 8.89
CA PRO B 94 32.47 -15.95 8.20
C PRO B 94 33.60 -16.08 9.23
N GLN B 95 34.61 -16.87 8.91
CA GLN B 95 35.73 -17.11 9.83
C GLN B 95 36.50 -15.87 10.29
N ASP B 96 36.75 -15.80 11.60
CA ASP B 96 37.48 -14.68 12.18
C ASP B 96 36.87 -13.35 11.80
N LEU B 97 35.64 -13.15 12.22
CA LEU B 97 34.93 -11.91 11.90
C LEU B 97 35.10 -10.86 12.97
N SER B 98 35.29 -9.63 12.55
CA SER B 98 35.38 -8.49 13.46
C SER B 98 34.43 -7.45 12.90
N VAL B 99 33.57 -6.91 13.76
CA VAL B 99 32.63 -5.89 13.36
C VAL B 99 32.80 -4.71 14.30
N TRP B 100 33.12 -3.56 13.70
CA TRP B 100 33.32 -2.31 14.45
C TRP B 100 32.05 -1.47 14.32
N ILE B 101 31.50 -1.06 15.45
CA ILE B 101 30.30 -0.23 15.47
C ILE B 101 30.70 1.05 16.18
N ASP B 102 30.91 2.10 15.40
CA ASP B 102 31.30 3.40 15.96
C ASP B 102 30.34 4.48 15.47
N PRO B 103 30.37 5.65 16.12
CA PRO B 103 29.50 6.76 15.72
C PRO B 103 29.72 7.11 14.24
N PHE B 104 28.64 7.22 13.49
CA PHE B 104 28.68 7.56 12.06
C PHE B 104 29.30 6.51 11.15
N GLU B 105 29.60 5.32 11.68
CA GLU B 105 30.21 4.31 10.84
C GLU B 105 30.18 2.87 11.35
N VAL B 106 29.96 1.95 10.42
CA VAL B 106 29.96 0.52 10.72
C VAL B 106 30.90 -0.15 9.73
N SER B 107 31.90 -0.85 10.25
CA SER B 107 32.87 -1.54 9.40
C SER B 107 33.12 -2.96 9.90
N TYR B 108 33.74 -3.79 9.09
CA TYR B 108 34.02 -5.17 9.47
C TYR B 108 35.26 -5.75 8.76
N GLN B 109 35.68 -6.91 9.23
CA GLN B 109 36.84 -7.60 8.65
C GLN B 109 36.67 -9.10 8.73
N ILE B 110 36.87 -9.77 7.62
CA ILE B 110 36.78 -11.21 7.56
C ILE B 110 38.20 -11.73 7.39
N GLY B 111 38.72 -12.36 8.45
CA GLY B 111 40.07 -12.89 8.43
C GLY B 111 41.00 -11.97 9.20
N GLU B 112 42.09 -12.54 9.73
CA GLU B 112 43.06 -11.75 10.49
C GLU B 112 43.68 -10.65 9.63
N LYS B 113 44.18 -11.04 8.47
CA LYS B 113 44.81 -10.09 7.54
C LYS B 113 43.83 -9.61 6.48
N GLY B 114 42.53 -9.84 6.71
CA GLY B 114 41.53 -9.41 5.75
C GLY B 114 41.38 -7.90 5.74
N PRO B 115 40.95 -7.30 4.61
CA PRO B 115 40.78 -5.86 4.53
C PRO B 115 39.59 -5.39 5.37
N VAL B 116 39.59 -4.11 5.72
CA VAL B 116 38.50 -3.54 6.50
C VAL B 116 37.52 -2.89 5.53
N LYS B 117 36.31 -3.42 5.48
CA LYS B 117 35.28 -2.91 4.59
C LYS B 117 34.28 -2.05 5.37
N VAL B 118 33.79 -1.00 4.72
CA VAL B 118 32.83 -0.11 5.35
C VAL B 118 31.41 -0.47 4.92
N LEU B 119 30.51 -0.57 5.90
CA LEU B 119 29.11 -0.89 5.64
C LEU B 119 28.25 0.38 5.70
N TYR B 120 28.51 1.19 6.71
CA TYR B 120 27.76 2.43 6.91
C TYR B 120 28.69 3.56 7.28
N VAL B 121 28.43 4.75 6.73
CA VAL B 121 29.24 5.92 7.02
C VAL B 121 28.46 7.18 6.65
N ASP B 122 27.73 7.73 7.63
CA ASP B 122 26.94 8.93 7.41
C ASP B 122 26.73 9.67 8.72
N ASP B 123 26.22 10.89 8.65
CA ASP B 123 25.96 11.69 9.85
C ASP B 123 24.47 11.91 10.06
N GLY C 7 14.80 12.06 8.78
CA GLY C 7 14.51 11.80 10.22
C GLY C 7 13.78 10.49 10.44
N MET C 8 13.67 9.70 9.36
CA MET C 8 12.99 8.42 9.40
C MET C 8 13.97 7.28 9.07
N GLN C 9 15.26 7.59 9.10
CA GLN C 9 16.32 6.63 8.78
C GLN C 9 16.28 5.39 9.67
N LEU C 10 16.25 5.60 10.98
CA LEU C 10 16.23 4.50 11.92
C LEU C 10 15.01 3.62 11.72
N GLU C 11 13.83 4.23 11.73
CA GLU C 11 12.60 3.47 11.55
C GLU C 11 12.60 2.67 10.24
N ILE C 12 13.04 3.31 9.17
CA ILE C 12 13.08 2.64 7.87
C ILE C 12 14.10 1.52 7.83
N GLN C 13 15.22 1.69 8.53
CA GLN C 13 16.24 0.65 8.54
C GLN C 13 15.69 -0.61 9.23
N VAL C 14 14.94 -0.42 10.31
CA VAL C 14 14.35 -1.52 11.06
C VAL C 14 13.38 -2.29 10.18
N ALA C 15 12.54 -1.56 9.46
CA ALA C 15 11.57 -2.18 8.57
C ALA C 15 12.27 -2.94 7.44
N LEU C 16 13.29 -2.32 6.84
CA LEU C 16 14.05 -2.96 5.75
C LEU C 16 14.70 -4.25 6.22
N ASN C 17 15.30 -4.22 7.40
CA ASN C 17 15.96 -5.40 7.95
C ASN C 17 14.96 -6.53 8.12
N PHE C 18 13.77 -6.20 8.59
CA PHE C 18 12.75 -7.22 8.79
C PHE C 18 12.39 -7.87 7.45
N ILE C 19 12.05 -7.04 6.46
CA ILE C 19 11.67 -7.50 5.13
C ILE C 19 12.73 -8.32 4.42
N ILE C 20 13.97 -7.81 4.35
CA ILE C 20 15.01 -8.56 3.66
C ILE C 20 15.52 -9.79 4.40
N SER C 21 15.20 -9.92 5.69
CA SER C 21 15.65 -11.11 6.42
C SER C 21 15.00 -12.36 5.82
N TYR C 22 13.90 -12.16 5.09
CA TYR C 22 13.17 -13.25 4.46
C TYR C 22 13.81 -13.61 3.12
N LEU C 23 14.72 -12.75 2.66
CA LEU C 23 15.37 -12.95 1.38
C LEU C 23 16.80 -13.50 1.46
N TYR C 24 17.52 -13.12 2.52
CA TYR C 24 18.90 -13.56 2.69
C TYR C 24 19.08 -15.07 2.58
N ASN C 25 20.11 -15.46 1.86
CA ASN C 25 20.43 -16.87 1.65
C ASN C 25 19.45 -17.59 0.76
N LYS C 26 18.46 -16.87 0.25
CA LYS C 26 17.51 -17.47 -0.67
C LYS C 26 17.75 -16.81 -2.02
N LEU C 27 18.48 -15.70 -1.98
CA LEU C 27 18.84 -14.93 -3.17
C LEU C 27 20.26 -14.45 -2.91
N PRO C 28 21.03 -14.15 -3.97
CA PRO C 28 22.41 -13.68 -3.76
C PRO C 28 22.34 -12.46 -2.84
N ARG C 29 23.27 -12.33 -1.91
CA ARG C 29 23.22 -11.20 -1.01
C ARG C 29 23.29 -9.83 -1.68
N ARG C 30 23.95 -9.76 -2.83
CA ARG C 30 24.01 -8.46 -3.50
C ARG C 30 22.62 -8.12 -4.06
N ARG C 31 21.87 -9.13 -4.48
CA ARG C 31 20.53 -8.91 -5.01
C ARG C 31 19.63 -8.41 -3.89
N VAL C 32 19.76 -9.02 -2.71
CA VAL C 32 19.00 -8.64 -1.53
C VAL C 32 19.31 -7.21 -1.14
N ASN C 33 20.60 -6.88 -1.06
CA ASN C 33 21.03 -5.55 -0.67
C ASN C 33 20.54 -4.45 -1.61
N ILE C 34 20.58 -4.72 -2.90
CA ILE C 34 20.13 -3.74 -3.89
C ILE C 34 18.63 -3.57 -3.74
N PHE C 35 17.94 -4.68 -3.49
CA PHE C 35 16.50 -4.64 -3.29
C PHE C 35 16.24 -3.74 -2.09
N GLY C 36 16.94 -4.01 -0.99
CA GLY C 36 16.79 -3.20 0.20
C GLY C 36 17.04 -1.73 -0.06
N GLU C 37 18.07 -1.44 -0.85
CA GLU C 37 18.41 -0.05 -1.15
C GLU C 37 17.32 0.62 -1.98
N GLU C 38 16.73 -0.11 -2.92
CA GLU C 38 15.66 0.44 -3.74
C GLU C 38 14.41 0.68 -2.88
N LEU C 39 14.10 -0.27 -2.02
CA LEU C 39 12.94 -0.15 -1.15
C LEU C 39 13.07 1.06 -0.24
N GLU C 40 14.29 1.26 0.28
CA GLU C 40 14.57 2.40 1.17
C GLU C 40 14.30 3.72 0.47
N ARG C 41 14.74 3.79 -0.78
CA ARG C 41 14.60 5.00 -1.59
C ARG C 41 13.12 5.29 -1.86
N LEU C 42 12.36 4.25 -2.23
CA LEU C 42 10.95 4.42 -2.52
C LEU C 42 10.17 4.83 -1.28
N LEU C 43 10.56 4.30 -0.12
CA LEU C 43 9.88 4.63 1.13
C LEU C 43 10.13 6.10 1.49
N LYS C 44 11.38 6.54 1.44
CA LYS C 44 11.68 7.93 1.75
C LYS C 44 10.93 8.86 0.80
N LYS C 45 10.76 8.43 -0.44
CA LYS C 45 10.06 9.22 -1.43
C LYS C 45 8.57 9.32 -1.07
N LYS C 46 7.97 8.20 -0.70
CA LYS C 46 6.55 8.18 -0.34
C LYS C 46 6.22 8.85 1.00
N TYR C 47 7.09 8.65 1.99
CA TYR C 47 6.87 9.22 3.32
C TYR C 47 7.11 10.73 3.43
N GLU C 48 7.77 11.30 2.43
CA GLU C 48 8.03 12.73 2.44
C GLU C 48 6.73 13.51 2.54
N GLY C 49 6.57 14.27 3.61
CA GLY C 49 5.36 15.05 3.81
C GLY C 49 4.25 14.26 4.49
N HIS C 50 4.56 13.05 4.93
CA HIS C 50 3.60 12.18 5.59
C HIS C 50 4.21 11.58 6.84
N TRP C 51 5.07 12.35 7.50
CA TRP C 51 5.76 11.90 8.70
C TRP C 51 5.58 12.99 9.76
N TYR C 52 4.80 12.69 10.78
CA TYR C 52 4.51 13.66 11.84
C TYR C 52 4.97 13.15 13.20
N PRO C 53 6.17 13.54 13.63
CA PRO C 53 6.67 13.08 14.94
C PRO C 53 5.80 13.53 16.12
N GLU C 54 5.05 14.61 15.95
CA GLU C 54 4.19 15.10 17.02
C GLU C 54 2.88 14.31 17.09
N LYS C 55 2.54 13.62 16.01
CA LYS C 55 1.34 12.82 15.93
C LYS C 55 1.74 11.55 15.18
N PRO C 56 2.63 10.76 15.78
CA PRO C 56 3.16 9.51 15.22
C PRO C 56 2.22 8.59 14.47
N TYR C 57 0.98 8.44 14.92
CA TYR C 57 0.10 7.55 14.22
C TYR C 57 -0.77 8.18 13.14
N LYS C 58 -0.51 9.44 12.85
CA LYS C 58 -1.21 10.15 11.80
C LYS C 58 -0.58 9.67 10.48
N GLY C 59 -1.38 9.11 9.59
CA GLY C 59 -0.87 8.63 8.32
C GLY C 59 -0.32 7.21 8.40
N SER C 60 -0.50 6.58 9.55
CA SER C 60 -0.02 5.23 9.75
C SER C 60 -0.55 4.27 8.68
N GLY C 61 -1.83 4.38 8.38
CA GLY C 61 -2.43 3.53 7.37
C GLY C 61 -1.86 3.83 6.00
N PHE C 62 -1.45 5.07 5.79
CA PHE C 62 -0.88 5.48 4.51
C PHE C 62 0.52 4.89 4.32
N ARG C 63 1.33 4.95 5.36
CA ARG C 63 2.70 4.47 5.32
C ARG C 63 2.82 2.96 5.39
N CYS C 64 1.86 2.32 6.03
CA CYS C 64 1.87 0.87 6.20
C CYS C 64 2.21 0.09 4.93
N ILE C 65 3.18 -0.79 5.04
CA ILE C 65 3.57 -1.63 3.92
C ILE C 65 2.73 -2.89 4.10
N HIS C 66 1.78 -3.10 3.20
CA HIS C 66 0.91 -4.26 3.30
C HIS C 66 1.06 -5.22 2.13
N ILE C 67 0.89 -6.50 2.43
CA ILE C 67 0.96 -7.54 1.42
C ILE C 67 -0.13 -8.53 1.81
N GLY C 68 -1.30 -8.38 1.19
CA GLY C 68 -2.41 -9.27 1.47
C GLY C 68 -3.02 -9.70 0.16
N GLU C 69 -4.09 -9.03 -0.24
CA GLU C 69 -4.74 -9.36 -1.50
C GLU C 69 -3.85 -8.88 -2.63
N LYS C 70 -3.17 -7.75 -2.41
CA LYS C 70 -2.29 -7.20 -3.42
C LYS C 70 -0.91 -6.93 -2.82
N VAL C 71 0.09 -6.74 -3.67
CA VAL C 71 1.44 -6.44 -3.23
C VAL C 71 1.60 -4.92 -3.19
N ASP C 72 1.93 -4.38 -2.03
CA ASP C 72 2.10 -2.94 -1.90
C ASP C 72 2.99 -2.44 -3.02
N PRO C 73 2.57 -1.35 -3.70
CA PRO C 73 3.32 -0.76 -4.81
C PRO C 73 4.81 -0.55 -4.51
N VAL C 74 5.14 -0.18 -3.27
CA VAL C 74 6.54 0.02 -2.93
C VAL C 74 7.36 -1.25 -3.09
N ILE C 75 6.76 -2.39 -2.77
CA ILE C 75 7.46 -3.66 -2.89
C ILE C 75 7.57 -4.06 -4.35
N GLU C 76 6.50 -3.85 -5.12
CA GLU C 76 6.49 -4.17 -6.54
C GLU C 76 7.56 -3.34 -7.25
N GLN C 77 7.56 -2.04 -7.00
CA GLN C 77 8.53 -1.14 -7.62
C GLN C 77 9.96 -1.45 -7.18
N ALA C 78 10.13 -1.78 -5.91
CA ALA C 78 11.45 -2.13 -5.39
C ALA C 78 11.96 -3.37 -6.11
N SER C 79 11.07 -4.34 -6.33
CA SER C 79 11.45 -5.57 -7.02
C SER C 79 11.82 -5.28 -8.48
N LYS C 80 10.93 -4.58 -9.16
CA LYS C 80 11.16 -4.24 -10.55
C LYS C 80 12.48 -3.48 -10.69
N GLU C 81 12.62 -2.39 -9.95
CA GLU C 81 13.84 -1.58 -9.98
C GLU C 81 15.10 -2.38 -9.67
N SER C 82 14.96 -3.41 -8.83
CA SER C 82 16.12 -4.23 -8.48
C SER C 82 16.23 -5.47 -9.36
N GLY C 83 15.38 -5.53 -10.38
CA GLY C 83 15.41 -6.64 -11.31
C GLY C 83 15.03 -8.00 -10.76
N LEU C 84 14.19 -8.04 -9.75
CA LEU C 84 13.78 -9.31 -9.17
C LEU C 84 12.36 -9.66 -9.60
N ASP C 85 12.12 -10.97 -9.78
CA ASP C 85 10.80 -11.47 -10.14
C ASP C 85 9.93 -11.37 -8.88
N ILE C 86 8.74 -10.80 -9.02
CA ILE C 86 7.83 -10.63 -7.90
C ILE C 86 7.66 -11.90 -7.07
N ASP C 87 7.64 -13.04 -7.74
CA ASP C 87 7.49 -14.32 -7.06
C ASP C 87 8.65 -14.58 -6.08
N ASP C 88 9.84 -14.12 -6.42
CA ASP C 88 10.99 -14.34 -5.54
C ASP C 88 10.96 -13.47 -4.30
N VAL C 89 10.04 -12.52 -4.28
CA VAL C 89 9.91 -11.61 -3.14
C VAL C 89 8.64 -11.99 -2.40
N ARG C 90 7.49 -11.78 -3.02
CA ARG C 90 6.21 -12.13 -2.41
C ARG C 90 6.24 -13.59 -1.93
N GLY C 91 6.79 -14.47 -2.78
CA GLY C 91 6.86 -15.88 -2.45
C GLY C 91 7.67 -16.22 -1.22
N ASN C 92 8.66 -15.39 -0.90
CA ASN C 92 9.50 -15.63 0.26
C ASN C 92 9.04 -14.86 1.49
N LEU C 93 8.06 -13.99 1.30
CA LEU C 93 7.53 -13.20 2.41
C LEU C 93 6.25 -13.84 2.93
N PRO C 94 5.83 -13.47 4.15
CA PRO C 94 4.62 -14.04 4.73
C PRO C 94 3.34 -13.48 4.07
N GLN C 95 2.26 -14.25 4.12
CA GLN C 95 1.00 -13.79 3.54
C GLN C 95 0.28 -12.89 4.52
N ASP C 96 -0.52 -11.97 3.98
CA ASP C 96 -1.28 -11.01 4.79
C ASP C 96 -0.39 -10.31 5.82
N LEU C 97 0.71 -9.76 5.32
CA LEU C 97 1.67 -9.06 6.14
C LEU C 97 1.40 -7.56 6.20
N SER C 98 1.58 -6.98 7.37
CA SER C 98 1.42 -5.54 7.54
C SER C 98 2.63 -5.05 8.31
N VAL C 99 3.30 -4.04 7.77
CA VAL C 99 4.46 -3.48 8.43
C VAL C 99 4.19 -1.99 8.59
N TRP C 100 4.13 -1.56 9.84
CA TRP C 100 3.87 -0.17 10.16
C TRP C 100 5.19 0.52 10.49
N ILE C 101 5.45 1.60 9.76
CA ILE C 101 6.65 2.39 9.95
C ILE C 101 6.14 3.76 10.36
N ASP C 102 6.18 4.04 11.64
CA ASP C 102 5.72 5.30 12.19
C ASP C 102 6.85 5.91 13.00
N PRO C 103 6.75 7.22 13.27
CA PRO C 103 7.80 7.87 14.06
C PRO C 103 7.92 7.16 15.42
N PHE C 104 9.15 6.88 15.83
CA PHE C 104 9.41 6.23 17.11
C PHE C 104 8.88 4.80 17.27
N GLU C 105 8.42 4.18 16.20
CA GLU C 105 7.93 2.80 16.31
C GLU C 105 7.72 2.04 15.01
N VAL C 106 8.26 0.83 14.97
CA VAL C 106 8.09 -0.03 13.81
C VAL C 106 7.52 -1.35 14.33
N SER C 107 6.45 -1.80 13.70
CA SER C 107 5.79 -3.03 14.12
C SER C 107 5.23 -3.77 12.92
N TYR C 108 4.77 -4.99 13.15
CA TYR C 108 4.19 -5.77 12.06
C TYR C 108 3.14 -6.77 12.53
N GLN C 109 2.50 -7.41 11.57
CA GLN C 109 1.46 -8.38 11.85
C GLN C 109 1.35 -9.35 10.69
N ILE C 110 1.21 -10.63 11.02
CA ILE C 110 1.06 -11.67 10.02
C ILE C 110 -0.35 -12.22 10.22
N GLY C 111 -1.23 -12.00 9.25
CA GLY C 111 -2.60 -12.45 9.38
C GLY C 111 -3.49 -11.27 9.73
N GLU C 112 -4.65 -11.18 9.11
CA GLU C 112 -5.58 -10.07 9.35
C GLU C 112 -5.89 -9.93 10.85
N LYS C 113 -5.98 -11.06 11.54
CA LYS C 113 -6.27 -11.07 12.97
C LYS C 113 -5.08 -11.52 13.79
N GLY C 114 -3.89 -11.46 13.21
CA GLY C 114 -2.69 -11.87 13.92
C GLY C 114 -2.27 -10.86 14.97
N PRO C 115 -1.39 -11.26 15.91
CA PRO C 115 -0.97 -10.32 16.94
C PRO C 115 0.00 -9.27 16.38
N VAL C 116 0.06 -8.11 17.02
CA VAL C 116 0.96 -7.06 16.57
C VAL C 116 2.27 -7.16 17.31
N LYS C 117 3.36 -7.34 16.55
CA LYS C 117 4.69 -7.48 17.11
C LYS C 117 5.49 -6.19 16.92
N VAL C 118 6.03 -5.66 18.00
CA VAL C 118 6.82 -4.44 17.93
C VAL C 118 8.28 -4.79 17.59
N LEU C 119 8.81 -4.19 16.52
CA LEU C 119 10.19 -4.43 16.10
C LEU C 119 11.11 -3.38 16.71
N TYR C 120 10.58 -2.20 16.95
CA TYR C 120 11.35 -1.10 17.52
C TYR C 120 10.45 -0.05 18.17
N VAL C 121 10.91 0.51 19.27
CA VAL C 121 10.17 1.54 19.98
C VAL C 121 11.17 2.39 20.76
N ASP C 122 10.85 3.67 20.93
CA ASP C 122 11.74 4.57 21.65
C ASP C 122 11.16 5.06 22.98
N ASP C 123 11.85 5.98 23.64
CA ASP C 123 11.41 6.54 24.92
C ASP C 123 10.11 7.32 24.78
N GLY D 4 -22.69 2.77 -23.03
CA GLY D 4 -24.17 2.90 -22.89
C GLY D 4 -24.57 4.03 -21.95
N SER D 5 -25.87 4.21 -21.78
CA SER D 5 -26.39 5.26 -20.90
C SER D 5 -25.97 4.98 -19.46
N SER D 6 -25.87 3.69 -19.11
CA SER D 6 -25.46 3.30 -17.77
C SER D 6 -23.98 3.60 -17.59
N GLY D 7 -23.20 3.46 -18.67
CA GLY D 7 -21.79 3.75 -18.61
C GLY D 7 -21.51 5.24 -18.44
N MET D 8 -22.28 6.07 -19.14
CA MET D 8 -22.13 7.51 -19.05
C MET D 8 -22.50 7.96 -17.64
N GLN D 9 -23.63 7.47 -17.13
CA GLN D 9 -24.07 7.83 -15.77
C GLN D 9 -23.01 7.49 -14.74
N LEU D 10 -22.46 6.27 -14.84
CA LEU D 10 -21.43 5.83 -13.92
C LEU D 10 -20.22 6.76 -13.97
N GLU D 11 -19.82 7.09 -15.19
CA GLU D 11 -18.67 7.96 -15.41
C GLU D 11 -18.88 9.37 -14.84
N ILE D 12 -20.10 9.87 -14.96
CA ILE D 12 -20.44 11.18 -14.45
C ILE D 12 -20.35 11.15 -12.92
N GLN D 13 -20.79 10.04 -12.33
CA GLN D 13 -20.75 9.88 -10.88
C GLN D 13 -19.30 9.82 -10.43
N VAL D 14 -18.47 9.07 -11.16
CA VAL D 14 -17.06 8.97 -10.81
C VAL D 14 -16.44 10.37 -10.72
N ALA D 15 -16.58 11.14 -11.81
CA ALA D 15 -16.03 12.50 -11.87
C ALA D 15 -16.65 13.37 -10.78
N LEU D 16 -17.96 13.26 -10.67
CA LEU D 16 -18.75 14.01 -9.71
C LEU D 16 -18.20 13.81 -8.30
N ASN D 17 -17.90 12.56 -7.97
CA ASN D 17 -17.39 12.21 -6.66
C ASN D 17 -15.99 12.78 -6.43
N PHE D 18 -15.17 12.77 -7.47
CA PHE D 18 -13.83 13.30 -7.35
C PHE D 18 -13.86 14.80 -7.05
N ILE D 19 -14.69 15.53 -7.80
CA ILE D 19 -14.81 16.97 -7.62
C ILE D 19 -15.33 17.39 -6.24
N ILE D 20 -16.46 16.81 -5.84
CA ILE D 20 -17.04 17.18 -4.55
C ILE D 20 -16.24 16.68 -3.35
N SER D 21 -15.29 15.77 -3.58
CA SER D 21 -14.48 15.26 -2.48
C SER D 21 -13.62 16.38 -1.90
N TYR D 22 -13.51 17.50 -2.62
CA TYR D 22 -12.71 18.62 -2.13
C TYR D 22 -13.55 19.54 -1.26
N LEU D 23 -14.87 19.37 -1.33
CA LEU D 23 -15.78 20.22 -0.59
C LEU D 23 -16.17 19.65 0.78
N TYR D 24 -16.21 18.33 0.87
CA TYR D 24 -16.56 17.66 2.12
C TYR D 24 -15.64 18.08 3.25
N ASN D 25 -16.18 18.04 4.48
CA ASN D 25 -15.43 18.39 5.67
C ASN D 25 -15.10 19.88 5.75
N LYS D 26 -15.44 20.63 4.69
CA LYS D 26 -15.17 22.06 4.70
C LYS D 26 -16.49 22.82 4.54
N LEU D 27 -17.46 22.16 3.91
CA LEU D 27 -18.77 22.74 3.70
C LEU D 27 -19.84 21.76 4.20
N PRO D 28 -21.03 22.26 4.52
CA PRO D 28 -22.11 21.41 5.02
C PRO D 28 -22.33 20.17 4.14
N ARG D 29 -22.20 19.01 4.77
CA ARG D 29 -22.32 17.72 4.10
C ARG D 29 -23.54 17.52 3.20
N ARG D 30 -24.74 17.69 3.76
CA ARG D 30 -25.95 17.49 2.98
C ARG D 30 -26.06 18.41 1.76
N ARG D 31 -25.57 19.65 1.89
CA ARG D 31 -25.60 20.58 0.78
C ARG D 31 -24.64 20.08 -0.29
N VAL D 32 -23.53 19.50 0.14
CA VAL D 32 -22.56 18.99 -0.82
C VAL D 32 -23.18 17.83 -1.60
N ASN D 33 -23.96 17.01 -0.91
CA ASN D 33 -24.61 15.89 -1.59
C ASN D 33 -25.55 16.38 -2.68
N ILE D 34 -26.37 17.39 -2.36
CA ILE D 34 -27.29 17.94 -3.34
C ILE D 34 -26.48 18.57 -4.47
N PHE D 35 -25.40 19.26 -4.11
CA PHE D 35 -24.52 19.88 -5.10
C PHE D 35 -24.14 18.82 -6.14
N GLY D 36 -23.65 17.68 -5.67
CA GLY D 36 -23.26 16.61 -6.56
C GLY D 36 -24.42 16.08 -7.40
N GLU D 37 -25.59 15.93 -6.79
CA GLU D 37 -26.74 15.42 -7.51
C GLU D 37 -27.19 16.35 -8.62
N GLU D 38 -27.11 17.65 -8.37
CA GLU D 38 -27.52 18.63 -9.37
C GLU D 38 -26.49 18.59 -10.48
N LEU D 39 -25.22 18.51 -10.10
CA LEU D 39 -24.16 18.45 -11.06
C LEU D 39 -24.40 17.25 -11.98
N GLU D 40 -24.81 16.14 -11.39
CA GLU D 40 -25.07 14.92 -12.17
C GLU D 40 -26.20 15.16 -13.17
N ARG D 41 -27.23 15.87 -12.72
CA ARG D 41 -28.38 16.19 -13.55
C ARG D 41 -27.93 17.08 -14.71
N LEU D 42 -27.26 18.18 -14.40
CA LEU D 42 -26.78 19.10 -15.42
C LEU D 42 -25.89 18.45 -16.46
N LEU D 43 -24.99 17.57 -16.03
CA LEU D 43 -24.09 16.92 -16.97
C LEU D 43 -24.84 15.91 -17.85
N LYS D 44 -25.84 15.25 -17.28
CA LYS D 44 -26.63 14.28 -18.02
C LYS D 44 -27.31 14.93 -19.21
N LYS D 45 -27.98 16.04 -18.98
CA LYS D 45 -28.66 16.74 -20.06
C LYS D 45 -27.67 17.37 -21.02
N LYS D 46 -26.61 17.95 -20.49
CA LYS D 46 -25.63 18.57 -21.36
C LYS D 46 -24.98 17.54 -22.28
N TYR D 47 -24.65 16.38 -21.74
CA TYR D 47 -24.01 15.32 -22.50
C TYR D 47 -24.97 14.58 -23.44
N GLU D 48 -26.27 14.71 -23.17
CA GLU D 48 -27.29 14.06 -23.99
C GLU D 48 -27.11 14.41 -25.46
N GLY D 49 -26.81 13.40 -26.28
CA GLY D 49 -26.60 13.64 -27.69
C GLY D 49 -25.15 13.88 -28.05
N HIS D 50 -24.27 13.91 -27.04
CA HIS D 50 -22.86 14.13 -27.29
C HIS D 50 -22.01 13.04 -26.67
N TRP D 51 -22.45 11.79 -26.81
CA TRP D 51 -21.74 10.66 -26.24
C TRP D 51 -21.62 9.58 -27.31
N TYR D 52 -20.46 9.52 -27.95
CA TYR D 52 -20.23 8.55 -29.02
C TYR D 52 -19.18 7.50 -28.67
N PRO D 53 -19.62 6.31 -28.23
CA PRO D 53 -18.73 5.21 -27.85
C PRO D 53 -17.78 4.78 -28.96
N GLU D 54 -18.19 4.98 -30.21
CA GLU D 54 -17.37 4.62 -31.36
C GLU D 54 -16.29 5.67 -31.63
N LYS D 55 -16.49 6.86 -31.10
CA LYS D 55 -15.55 7.97 -31.23
C LYS D 55 -15.42 8.59 -29.84
N PRO D 56 -14.78 7.85 -28.91
CA PRO D 56 -14.54 8.20 -27.51
C PRO D 56 -14.16 9.65 -27.25
N TYR D 57 -13.21 10.18 -28.02
CA TYR D 57 -12.76 11.55 -27.80
C TYR D 57 -13.41 12.60 -28.70
N LYS D 58 -14.52 12.23 -29.34
CA LYS D 58 -15.27 13.15 -30.16
C LYS D 58 -16.14 13.92 -29.17
N GLY D 59 -15.91 15.22 -29.06
CA GLY D 59 -16.69 16.02 -28.13
C GLY D 59 -16.12 15.99 -26.72
N SER D 60 -14.87 15.56 -26.61
CA SER D 60 -14.21 15.48 -25.30
C SER D 60 -13.99 16.87 -24.72
N GLY D 61 -13.60 17.81 -25.57
CA GLY D 61 -13.37 19.17 -25.11
C GLY D 61 -14.67 19.77 -24.64
N PHE D 62 -15.74 19.50 -25.36
CA PHE D 62 -17.06 20.02 -25.01
C PHE D 62 -17.55 19.45 -23.67
N ARG D 63 -17.24 18.19 -23.38
CA ARG D 63 -17.69 17.57 -22.13
C ARG D 63 -16.76 17.90 -20.96
N CYS D 64 -15.54 18.28 -21.29
CA CYS D 64 -14.53 18.62 -20.30
C CYS D 64 -15.05 19.62 -19.26
N ILE D 65 -14.71 19.35 -18.00
CA ILE D 65 -15.10 20.23 -16.89
C ILE D 65 -13.83 20.89 -16.42
N HIS D 66 -13.67 22.17 -16.73
CA HIS D 66 -12.49 22.92 -16.33
C HIS D 66 -12.80 23.89 -15.20
N ILE D 67 -11.89 23.97 -14.23
CA ILE D 67 -12.06 24.85 -13.09
C ILE D 67 -10.73 25.54 -12.77
N GLY D 68 -10.56 26.75 -13.32
CA GLY D 68 -9.34 27.50 -13.08
C GLY D 68 -9.68 28.97 -13.09
N GLU D 69 -8.92 29.76 -13.85
CA GLU D 69 -9.20 31.18 -13.94
C GLU D 69 -10.64 31.29 -14.43
N LYS D 70 -11.01 30.38 -15.33
CA LYS D 70 -12.36 30.31 -15.89
C LYS D 70 -13.01 29.09 -15.24
N VAL D 71 -14.29 29.21 -14.91
CA VAL D 71 -15.00 28.11 -14.27
C VAL D 71 -16.21 27.66 -15.09
N ASP D 72 -16.35 26.35 -15.23
CA ASP D 72 -17.46 25.79 -16.00
C ASP D 72 -18.79 26.21 -15.39
N PRO D 73 -19.74 26.67 -16.23
CA PRO D 73 -21.05 27.09 -15.75
C PRO D 73 -21.81 26.06 -14.93
N VAL D 74 -21.57 24.76 -15.15
CA VAL D 74 -22.28 23.74 -14.39
C VAL D 74 -21.96 23.81 -12.91
N ILE D 75 -20.76 24.31 -12.58
CA ILE D 75 -20.35 24.45 -11.19
C ILE D 75 -21.19 25.52 -10.49
N GLU D 76 -21.33 26.67 -11.14
CA GLU D 76 -22.11 27.78 -10.60
C GLU D 76 -23.57 27.37 -10.41
N GLN D 77 -24.12 26.73 -11.43
CA GLN D 77 -25.51 26.28 -11.38
C GLN D 77 -25.73 25.30 -10.23
N ALA D 78 -24.79 24.40 -10.02
CA ALA D 78 -24.90 23.42 -8.95
C ALA D 78 -24.77 24.08 -7.58
N SER D 79 -23.95 25.13 -7.51
CA SER D 79 -23.75 25.86 -6.25
C SER D 79 -25.04 26.54 -5.79
N LYS D 80 -25.67 27.29 -6.70
CA LYS D 80 -26.90 27.99 -6.37
C LYS D 80 -28.07 27.06 -6.07
N GLU D 81 -28.01 25.85 -6.62
CA GLU D 81 -29.06 24.86 -6.42
C GLU D 81 -28.95 24.19 -5.06
N SER D 82 -27.71 23.98 -4.60
CA SER D 82 -27.47 23.33 -3.31
C SER D 82 -27.39 24.35 -2.19
N GLY D 83 -27.50 25.63 -2.53
CA GLY D 83 -27.44 26.66 -1.52
C GLY D 83 -26.03 26.93 -1.02
N LEU D 84 -25.04 26.60 -1.86
CA LEU D 84 -23.65 26.82 -1.51
C LEU D 84 -23.11 28.03 -2.28
N ASP D 85 -22.32 28.84 -1.61
CA ASP D 85 -21.75 30.03 -2.22
C ASP D 85 -20.65 29.64 -3.21
N ILE D 86 -20.79 30.09 -4.45
CA ILE D 86 -19.82 29.78 -5.50
C ILE D 86 -18.37 30.07 -5.10
N ASP D 87 -18.15 31.13 -4.34
CA ASP D 87 -16.78 31.47 -3.92
C ASP D 87 -16.24 30.47 -2.90
N ASP D 88 -17.13 29.88 -2.10
CA ASP D 88 -16.69 28.89 -1.12
C ASP D 88 -16.32 27.60 -1.84
N VAL D 89 -17.08 27.27 -2.89
CA VAL D 89 -16.82 26.08 -3.69
C VAL D 89 -15.50 26.22 -4.44
N ARG D 90 -15.36 27.33 -5.17
CA ARG D 90 -14.17 27.59 -5.94
C ARG D 90 -12.94 27.59 -5.04
N GLY D 91 -13.08 28.21 -3.88
CA GLY D 91 -11.98 28.28 -2.92
C GLY D 91 -11.50 26.95 -2.42
N ASN D 92 -12.40 25.99 -2.30
CA ASN D 92 -12.04 24.66 -1.81
C ASN D 92 -11.55 23.70 -2.89
N LEU D 93 -11.64 24.12 -4.15
CA LEU D 93 -11.20 23.29 -5.27
C LEU D 93 -9.80 23.72 -5.73
N PRO D 94 -9.04 22.79 -6.33
CA PRO D 94 -7.68 23.07 -6.83
C PRO D 94 -7.65 24.31 -7.72
N GLN D 95 -6.55 25.06 -7.65
CA GLN D 95 -6.39 26.27 -8.46
C GLN D 95 -6.73 26.04 -9.93
N ASP D 96 -6.27 24.91 -10.49
CA ASP D 96 -6.53 24.60 -11.88
C ASP D 96 -6.83 23.10 -12.02
N LEU D 97 -8.09 22.77 -12.28
CA LEU D 97 -8.49 21.38 -12.41
C LEU D 97 -9.30 21.11 -13.67
N SER D 98 -8.88 20.10 -14.43
CA SER D 98 -9.58 19.72 -15.65
C SER D 98 -9.99 18.26 -15.53
N VAL D 99 -11.25 17.98 -15.86
CA VAL D 99 -11.77 16.64 -15.78
C VAL D 99 -12.40 16.24 -17.10
N TRP D 100 -11.94 15.14 -17.68
CA TRP D 100 -12.46 14.65 -18.93
C TRP D 100 -13.35 13.43 -18.70
N ILE D 101 -14.60 13.52 -19.14
CA ILE D 101 -15.54 12.42 -19.00
C ILE D 101 -15.85 11.96 -20.42
N ASP D 102 -15.15 10.90 -20.85
CA ASP D 102 -15.33 10.35 -22.19
C ASP D 102 -15.72 8.88 -22.08
N PRO D 103 -16.41 8.36 -23.10
CA PRO D 103 -16.80 6.95 -23.04
C PRO D 103 -15.60 6.02 -22.84
N PHE D 104 -15.74 5.10 -21.89
CA PHE D 104 -14.72 4.13 -21.56
C PHE D 104 -13.58 4.67 -20.69
N GLU D 105 -13.64 5.96 -20.33
CA GLU D 105 -12.56 6.50 -19.50
C GLU D 105 -12.80 7.88 -18.88
N VAL D 106 -12.47 8.00 -17.60
CA VAL D 106 -12.59 9.26 -16.91
C VAL D 106 -11.18 9.65 -16.47
N SER D 107 -10.73 10.84 -16.86
CA SER D 107 -9.39 11.32 -16.52
C SER D 107 -9.40 12.75 -16.02
N TYR D 108 -8.26 13.21 -15.52
CA TYR D 108 -8.19 14.57 -15.01
C TYR D 108 -6.76 15.06 -14.96
N GLN D 109 -6.61 16.35 -14.69
CA GLN D 109 -5.30 16.96 -14.60
C GLN D 109 -5.33 18.15 -13.66
N ILE D 110 -4.42 18.16 -12.70
CA ILE D 110 -4.31 19.24 -11.74
C ILE D 110 -3.08 20.06 -12.10
N GLY D 111 -3.31 21.23 -12.70
CA GLY D 111 -2.20 22.09 -13.09
C GLY D 111 -2.04 22.10 -14.59
N GLU D 112 -1.64 23.25 -15.13
CA GLU D 112 -1.45 23.39 -16.57
C GLU D 112 -0.46 22.36 -17.09
N LYS D 113 0.56 22.05 -16.27
CA LYS D 113 1.56 21.07 -16.67
C LYS D 113 1.47 19.79 -15.83
N GLY D 114 0.34 19.63 -15.14
CA GLY D 114 0.16 18.44 -14.32
C GLY D 114 -0.02 17.19 -15.16
N PRO D 115 0.26 16.02 -14.60
CA PRO D 115 0.12 14.75 -15.33
C PRO D 115 -1.35 14.35 -15.51
N VAL D 116 -1.61 13.52 -16.53
CA VAL D 116 -2.95 13.05 -16.81
C VAL D 116 -3.19 11.76 -16.04
N LYS D 117 -4.02 11.84 -15.02
CA LYS D 117 -4.33 10.69 -14.17
C LYS D 117 -5.69 10.07 -14.52
N VAL D 118 -5.74 8.75 -14.55
CA VAL D 118 -6.96 8.04 -14.88
C VAL D 118 -7.76 7.68 -13.62
N LEU D 119 -9.00 8.14 -13.55
CA LEU D 119 -9.88 7.86 -12.41
C LEU D 119 -10.68 6.58 -12.64
N TYR D 120 -11.11 6.39 -13.88
CA TYR D 120 -11.90 5.21 -14.26
C TYR D 120 -11.60 4.82 -15.70
N VAL D 121 -11.50 3.52 -15.95
CA VAL D 121 -11.24 3.00 -17.29
C VAL D 121 -11.92 1.64 -17.50
N ASP D 122 -12.62 1.52 -18.63
CA ASP D 122 -13.34 0.30 -18.98
C ASP D 122 -12.65 -0.50 -20.08
N ASP D 123 -12.41 -1.78 -19.79
CA ASP D 123 -11.75 -2.70 -20.71
C ASP D 123 -10.33 -2.26 -21.03
#